data_5AKY
#
_entry.id   5AKY
#
_cell.length_a   92.530
_cell.length_b   92.530
_cell.length_c   244.036
_cell.angle_alpha   90.00
_cell.angle_beta   90.00
_cell.angle_gamma   120.00
#
_symmetry.space_group_name_H-M   'P 65 2 2'
#
loop_
_entity.id
_entity.type
_entity.pdbx_description
1 polymer 'BIFUNCTIONAL EPOXIDE HYDROLASE 2'
2 non-polymer 'SULFATE ION'
3 non-polymer 'DIMETHYL SULFOXIDE'
4 non-polymer 3-(2-phenylethyl)-1H-indazole
5 water water
#
_entity_poly.entity_id   1
_entity_poly.type   'polypeptide(L)'
_entity_poly.pdbx_seq_one_letter_code
;GMTLRAAVFDLDGVLALPAVFGVLGRTEEALALPRGLLNDAFQKGGPEGATTRLMKGEITLSQWIPLMEENCRKCSETAK
VCLPKNFSIKEIFDKAISARKINRPMLQAALMLRKKGFTTAILTNTWLDDRAERDGLAQLMCELKMHFDFLIESCQVGMV
KPEPQIYKFLLDTLKASPSEVVFLDDIGANLKPARDLGMVTILVQDTDTALKELEKVTGIQLLNTPAPLPTSCNPSDMSH
GYVTVKPRVRLHFVELGSGPAVCLCHGFPESWYSWRYQIPALAQAGYRVLAMDMKGYGESSAPPEIEEYCMEVLCKEMVT
FLDKLGLSQAVFIGHDWGGMLVWYMALFYPERVRAVASLNTPFIPANPNMSPLESIKANPVFDYQLYFQEPGVAEAELEQ
NLSRTFKSLFRASDESVLSMHKVCEAGGLFVNSPEEPSLSRMVTEEEIQFYVQQFKKSGFRGPLNWYRNMERNWKWACKS
LGRKILIPALMVTAEKDFVLVPQMSQHMEDWIPHLKRGHIEDCGHWTQMDKPTEVNQILIKWLDSDARN
;
_entity_poly.pdbx_strand_id   A
#
loop_
_chem_comp.id
_chem_comp.type
_chem_comp.name
_chem_comp.formula
6NJ non-polymer 3-(2-phenylethyl)-1H-indazole 'C15 H14 N2'
DMS non-polymer 'DIMETHYL SULFOXIDE' 'C2 H6 O S'
SO4 non-polymer 'SULFATE ION' 'O4 S -2'
#
# COMPACT_ATOMS: atom_id res chain seq x y z
N THR A 3 -19.87 -12.87 24.95
CA THR A 3 -19.76 -11.97 23.79
C THR A 3 -18.35 -11.95 23.17
N LEU A 4 -18.27 -12.28 21.87
CA LEU A 4 -17.02 -12.38 21.12
C LEU A 4 -16.32 -11.05 20.93
N ARG A 5 -14.99 -11.05 21.09
CA ARG A 5 -14.10 -9.90 20.92
C ARG A 5 -12.74 -10.30 20.31
N ALA A 6 -12.56 -11.59 20.01
CA ALA A 6 -11.34 -12.11 19.38
C ALA A 6 -11.64 -13.15 18.32
N ALA A 7 -10.89 -13.10 17.20
CA ALA A 7 -11.01 -14.06 16.12
C ALA A 7 -9.64 -14.60 15.75
N VAL A 8 -9.49 -15.92 15.83
CA VAL A 8 -8.23 -16.62 15.58
C VAL A 8 -8.39 -17.41 14.30
N PHE A 9 -7.39 -17.32 13.43
CA PHE A 9 -7.42 -18.00 12.16
C PHE A 9 -6.26 -18.91 11.99
N ASP A 10 -6.52 -20.08 11.40
CA ASP A 10 -5.45 -21.00 11.01
C ASP A 10 -4.86 -20.39 9.71
N LEU A 11 -3.69 -20.88 9.26
CA LEU A 11 -3.09 -20.39 8.02
C LEU A 11 -3.43 -21.31 6.87
N ASP A 12 -2.88 -22.53 6.87
CA ASP A 12 -3.10 -23.52 5.81
C ASP A 12 -4.55 -24.00 5.77
N GLY A 13 -5.20 -23.80 4.62
CA GLY A 13 -6.60 -24.15 4.43
C GLY A 13 -7.61 -23.14 4.94
N VAL A 14 -7.13 -22.03 5.56
CA VAL A 14 -7.99 -20.97 6.11
C VAL A 14 -7.60 -19.60 5.52
N LEU A 15 -6.43 -19.02 5.89
CA LEU A 15 -5.97 -17.75 5.32
C LEU A 15 -5.20 -17.92 4.01
N ALA A 16 -4.70 -19.15 3.73
CA ALA A 16 -3.94 -19.46 2.52
C ALA A 16 -4.45 -20.72 1.81
N LEU A 17 -4.65 -20.61 0.49
CA LEU A 17 -5.19 -21.67 -0.38
C LEU A 17 -4.43 -21.89 -1.69
N PRO A 18 -4.39 -23.14 -2.23
CA PRO A 18 -4.90 -24.39 -1.63
C PRO A 18 -4.06 -24.84 -0.46
N ALA A 19 -4.68 -25.54 0.49
CA ALA A 19 -4.00 -26.07 1.67
C ALA A 19 -2.82 -26.94 1.25
N VAL A 20 -1.58 -26.48 1.54
CA VAL A 20 -0.31 -27.19 1.27
C VAL A 20 -0.44 -28.68 1.64
N PHE A 21 -1.27 -29.00 2.67
CA PHE A 21 -1.59 -30.34 3.13
C PHE A 21 -2.20 -31.16 1.98
N GLY A 22 -3.27 -30.63 1.37
CA GLY A 22 -4.02 -31.24 0.26
C GLY A 22 -3.26 -31.58 -1.00
N VAL A 23 -2.01 -31.09 -1.12
CA VAL A 23 -1.09 -31.35 -2.23
C VAL A 23 -0.62 -32.81 -2.18
N LEU A 24 -0.51 -33.37 -0.95
CA LEU A 24 -0.13 -34.76 -0.72
C LEU A 24 -1.11 -35.74 -1.39
N GLY A 25 -2.41 -35.46 -1.24
CA GLY A 25 -3.47 -36.25 -1.87
C GLY A 25 -3.45 -36.12 -3.37
N ARG A 26 -3.18 -34.89 -3.87
CA ARG A 26 -3.08 -34.58 -5.30
C ARG A 26 -1.88 -35.29 -5.92
N THR A 27 -0.76 -35.37 -5.17
CA THR A 27 0.48 -36.04 -5.59
C THR A 27 0.29 -37.56 -5.69
N GLU A 28 -0.36 -38.17 -4.67
CA GLU A 28 -0.67 -39.60 -4.62
C GLU A 28 -1.43 -39.99 -5.91
N GLU A 29 -2.51 -39.22 -6.24
CA GLU A 29 -3.37 -39.40 -7.41
C GLU A 29 -2.62 -39.25 -8.74
N ALA A 30 -1.76 -38.21 -8.87
CA ALA A 30 -0.98 -37.93 -10.06
C ALA A 30 0.04 -39.02 -10.36
N LEU A 31 0.72 -39.52 -9.32
CA LEU A 31 1.74 -40.57 -9.46
C LEU A 31 1.16 -41.99 -9.33
N ALA A 32 -0.19 -42.10 -9.23
CA ALA A 32 -0.93 -43.36 -9.06
C ALA A 32 -0.37 -44.22 -7.88
N LEU A 33 -0.01 -43.52 -6.79
CA LEU A 33 0.49 -44.13 -5.55
C LEU A 33 -0.71 -44.58 -4.70
N PRO A 34 -0.53 -45.54 -3.74
CA PRO A 34 -1.67 -45.90 -2.88
C PRO A 34 -2.18 -44.71 -2.09
N ARG A 35 -3.50 -44.60 -1.97
CA ARG A 35 -4.16 -43.51 -1.27
C ARG A 35 -3.66 -43.43 0.18
N GLY A 36 -3.35 -42.21 0.63
CA GLY A 36 -2.88 -41.94 1.98
C GLY A 36 -1.41 -42.23 2.25
N LEU A 37 -0.67 -42.79 1.26
CA LEU A 37 0.76 -43.13 1.37
C LEU A 37 1.60 -41.93 1.83
N LEU A 38 1.44 -40.76 1.17
CA LEU A 38 2.19 -39.54 1.46
C LEU A 38 1.77 -38.90 2.77
N ASN A 39 0.46 -38.87 3.05
CA ASN A 39 -0.10 -38.32 4.29
C ASN A 39 0.30 -39.17 5.51
N ASP A 40 0.43 -40.49 5.32
CA ASP A 40 0.83 -41.44 6.36
C ASP A 40 2.33 -41.28 6.69
N ALA A 41 3.17 -41.14 5.64
CA ALA A 41 4.61 -40.92 5.80
C ALA A 41 4.87 -39.55 6.47
N PHE A 42 4.02 -38.53 6.15
CA PHE A 42 4.09 -37.19 6.71
C PHE A 42 3.81 -37.17 8.21
N GLN A 43 2.79 -37.90 8.66
CA GLN A 43 2.44 -37.94 10.07
C GLN A 43 3.10 -39.10 10.86
N LYS A 44 4.02 -39.87 10.22
CA LYS A 44 4.70 -41.01 10.85
C LYS A 44 5.31 -40.72 12.23
N GLY A 45 4.92 -41.54 13.20
CA GLY A 45 5.37 -41.44 14.59
C GLY A 45 4.60 -40.44 15.44
N GLY A 46 3.59 -39.78 14.85
CA GLY A 46 2.76 -38.78 15.50
C GLY A 46 3.54 -37.77 16.34
N PRO A 47 3.29 -37.69 17.67
CA PRO A 47 4.04 -36.74 18.53
C PRO A 47 5.55 -36.98 18.65
N GLU A 48 6.01 -38.18 18.26
CA GLU A 48 7.42 -38.59 18.31
C GLU A 48 8.17 -38.33 17.00
N GLY A 49 7.44 -38.35 15.88
CA GLY A 49 7.98 -38.22 14.53
C GLY A 49 8.71 -36.95 14.15
N ALA A 50 9.29 -36.99 12.94
CA ALA A 50 10.06 -35.91 12.31
C ALA A 50 9.24 -34.63 12.13
N THR A 51 7.94 -34.78 11.79
CA THR A 51 7.03 -33.67 11.54
C THR A 51 6.72 -32.88 12.79
N THR A 52 6.54 -33.56 13.94
CA THR A 52 6.32 -32.87 15.21
C THR A 52 7.54 -32.03 15.60
N ARG A 53 8.76 -32.59 15.39
CA ARG A 53 10.05 -31.93 15.65
C ARG A 53 10.20 -30.69 14.75
N LEU A 54 9.83 -30.83 13.48
CA LEU A 54 9.82 -29.76 12.51
C LEU A 54 8.87 -28.65 12.97
N MET A 55 7.62 -29.00 13.30
CA MET A 55 6.61 -28.04 13.74
C MET A 55 6.92 -27.38 15.10
N LYS A 56 7.73 -28.03 15.95
CA LYS A 56 8.13 -27.49 17.26
C LYS A 56 9.36 -26.60 17.17
N GLY A 57 10.05 -26.64 16.03
CA GLY A 57 11.25 -25.87 15.75
C GLY A 57 12.55 -26.53 16.17
N GLU A 58 12.53 -27.85 16.42
CA GLU A 58 13.74 -28.61 16.85
C GLU A 58 14.72 -28.76 15.71
N ILE A 59 14.18 -28.86 14.50
CA ILE A 59 14.90 -29.05 13.25
C ILE A 59 14.33 -28.09 12.22
N THR A 60 15.08 -27.81 11.15
CA THR A 60 14.64 -26.93 10.08
C THR A 60 14.04 -27.75 8.94
N LEU A 61 13.35 -27.07 8.02
CA LEU A 61 12.76 -27.69 6.85
C LEU A 61 13.74 -28.52 5.99
N SER A 62 14.97 -28.01 5.75
CA SER A 62 15.99 -28.74 4.98
C SER A 62 16.47 -30.00 5.68
N GLN A 63 16.55 -29.98 7.01
CA GLN A 63 16.92 -31.14 7.82
C GLN A 63 15.78 -32.18 7.76
N TRP A 64 14.54 -31.73 7.65
CA TRP A 64 13.35 -32.57 7.63
C TRP A 64 13.16 -33.34 6.31
N ILE A 65 13.48 -32.71 5.16
CA ILE A 65 13.37 -33.29 3.81
C ILE A 65 13.89 -34.75 3.76
N PRO A 66 15.16 -35.08 4.14
CA PRO A 66 15.59 -36.50 4.10
C PRO A 66 14.84 -37.44 5.04
N LEU A 67 14.32 -36.93 6.19
CA LEU A 67 13.56 -37.75 7.14
C LEU A 67 12.19 -38.14 6.56
N MET A 68 11.53 -37.19 5.86
CA MET A 68 10.27 -37.40 5.14
C MET A 68 10.47 -38.46 4.03
N GLU A 69 11.63 -38.41 3.32
N GLU A 69 11.62 -38.42 3.32
CA GLU A 69 12.00 -39.35 2.26
CA GLU A 69 11.98 -39.35 2.25
C GLU A 69 12.13 -40.79 2.81
C GLU A 69 12.12 -40.79 2.80
N GLU A 70 12.75 -40.95 4.00
CA GLU A 70 12.95 -42.25 4.65
C GLU A 70 11.60 -42.84 5.11
N ASN A 71 10.69 -41.97 5.60
CA ASN A 71 9.34 -42.36 6.00
C ASN A 71 8.52 -42.83 4.78
N CYS A 72 8.70 -42.16 3.62
CA CYS A 72 8.04 -42.49 2.35
C CYS A 72 8.46 -43.86 1.84
N ARG A 73 9.76 -44.20 1.99
CA ARG A 73 10.36 -45.49 1.64
C ARG A 73 9.77 -46.60 2.54
N LYS A 74 9.76 -46.38 3.88
CA LYS A 74 9.20 -47.28 4.90
C LYS A 74 7.73 -47.62 4.59
N CYS A 75 6.91 -46.57 4.32
CA CYS A 75 5.48 -46.65 4.00
C CYS A 75 5.24 -47.43 2.71
N SER A 76 6.03 -47.15 1.64
CA SER A 76 5.90 -47.82 0.35
C SER A 76 6.27 -49.32 0.41
N GLU A 77 7.31 -49.68 1.20
CA GLU A 77 7.78 -51.05 1.38
C GLU A 77 6.74 -51.93 2.10
N THR A 78 6.03 -51.35 3.09
CA THR A 78 4.97 -52.00 3.85
C THR A 78 3.75 -52.20 2.94
N ALA A 79 3.43 -51.19 2.10
CA ALA A 79 2.32 -51.19 1.13
C ALA A 79 2.62 -52.07 -0.11
N LYS A 80 3.84 -52.68 -0.17
CA LYS A 80 4.34 -53.52 -1.27
C LYS A 80 4.31 -52.78 -2.63
N VAL A 81 4.67 -51.48 -2.62
CA VAL A 81 4.69 -50.63 -3.81
C VAL A 81 6.07 -50.02 -4.08
N CYS A 82 6.21 -49.30 -5.19
CA CYS A 82 7.46 -48.67 -5.57
C CYS A 82 7.28 -47.20 -5.90
N LEU A 83 8.00 -46.33 -5.16
CA LEU A 83 8.02 -44.89 -5.42
C LEU A 83 8.82 -44.74 -6.72
N PRO A 84 8.42 -43.86 -7.67
CA PRO A 84 9.14 -43.78 -8.95
C PRO A 84 10.63 -43.38 -8.91
N LYS A 85 11.27 -43.36 -10.10
CA LYS A 85 12.66 -43.01 -10.35
C LYS A 85 13.01 -41.62 -9.80
N ASN A 86 12.22 -40.62 -10.20
CA ASN A 86 12.36 -39.18 -9.94
C ASN A 86 11.59 -38.63 -8.73
N PHE A 87 11.14 -39.51 -7.81
CA PHE A 87 10.41 -39.10 -6.60
C PHE A 87 11.28 -38.21 -5.72
N SER A 88 10.90 -36.91 -5.63
CA SER A 88 11.60 -35.87 -4.85
C SER A 88 10.64 -35.05 -3.98
N ILE A 89 10.81 -35.14 -2.64
CA ILE A 89 9.99 -34.42 -1.66
C ILE A 89 10.16 -32.92 -1.80
N LYS A 90 11.42 -32.44 -1.95
CA LYS A 90 11.78 -31.03 -2.15
C LYS A 90 10.98 -30.42 -3.31
N GLU A 91 10.97 -31.13 -4.46
CA GLU A 91 10.27 -30.75 -5.69
C GLU A 91 8.78 -30.56 -5.45
N ILE A 92 8.14 -31.55 -4.79
CA ILE A 92 6.70 -31.54 -4.48
C ILE A 92 6.39 -30.38 -3.52
N PHE A 93 7.19 -30.26 -2.45
CA PHE A 93 7.12 -29.24 -1.41
C PHE A 93 7.28 -27.82 -1.96
N ASP A 94 8.30 -27.58 -2.83
CA ASP A 94 8.57 -26.29 -3.48
C ASP A 94 7.39 -25.81 -4.30
N LYS A 95 6.80 -26.73 -5.10
CA LYS A 95 5.66 -26.45 -5.97
C LYS A 95 4.41 -26.09 -5.15
N ALA A 96 4.11 -26.91 -4.12
CA ALA A 96 3.00 -26.74 -3.17
C ALA A 96 2.99 -25.34 -2.55
N ILE A 97 4.14 -24.86 -2.04
CA ILE A 97 4.27 -23.53 -1.40
C ILE A 97 4.11 -22.42 -2.42
N SER A 98 4.72 -22.56 -3.61
CA SER A 98 4.62 -21.60 -4.71
C SER A 98 3.17 -21.42 -5.14
N ALA A 99 2.41 -22.54 -5.17
CA ALA A 99 1.01 -22.56 -5.58
C ALA A 99 0.08 -21.92 -4.55
N ARG A 100 0.47 -21.95 -3.27
CA ARG A 100 -0.34 -21.42 -2.18
C ARG A 100 -0.37 -19.89 -2.13
N LYS A 101 -1.58 -19.32 -2.18
CA LYS A 101 -1.83 -17.86 -2.17
C LYS A 101 -2.75 -17.51 -1.03
N ILE A 102 -2.88 -16.20 -0.74
CA ILE A 102 -3.76 -15.69 0.30
C ILE A 102 -5.19 -15.90 -0.15
N ASN A 103 -6.04 -16.39 0.79
CA ASN A 103 -7.48 -16.58 0.56
C ASN A 103 -8.07 -15.21 0.83
N ARG A 104 -8.09 -14.33 -0.20
CA ARG A 104 -8.54 -12.94 -0.09
C ARG A 104 -9.86 -12.70 0.67
N PRO A 105 -10.99 -13.42 0.40
CA PRO A 105 -12.22 -13.19 1.20
C PRO A 105 -12.08 -13.49 2.69
N MET A 106 -11.23 -14.47 3.06
CA MET A 106 -10.98 -14.81 4.47
C MET A 106 -10.21 -13.66 5.11
N LEU A 107 -9.16 -13.12 4.41
CA LEU A 107 -8.42 -11.95 4.91
C LEU A 107 -9.33 -10.72 5.10
N GLN A 108 -10.24 -10.48 4.14
N GLN A 108 -10.24 -10.48 4.14
CA GLN A 108 -11.21 -9.38 4.15
CA GLN A 108 -11.20 -9.37 4.18
C GLN A 108 -12.11 -9.43 5.40
C GLN A 108 -12.10 -9.43 5.41
N ALA A 109 -12.57 -10.64 5.77
CA ALA A 109 -13.42 -10.89 6.95
C ALA A 109 -12.64 -10.59 8.23
N ALA A 110 -11.38 -11.08 8.32
CA ALA A 110 -10.48 -10.82 9.44
C ALA A 110 -10.26 -9.31 9.57
N LEU A 111 -10.05 -8.62 8.44
CA LEU A 111 -9.86 -7.16 8.37
C LEU A 111 -11.09 -6.42 8.90
N MET A 112 -12.30 -6.82 8.46
CA MET A 112 -13.57 -6.23 8.88
C MET A 112 -13.79 -6.43 10.40
N LEU A 113 -13.49 -7.64 10.93
CA LEU A 113 -13.63 -7.92 12.36
C LEU A 113 -12.71 -7.02 13.18
N ARG A 114 -11.44 -6.86 12.75
CA ARG A 114 -10.46 -5.99 13.41
C ARG A 114 -10.90 -4.51 13.36
N LYS A 115 -11.49 -4.07 12.21
CA LYS A 115 -11.99 -2.71 12.01
C LYS A 115 -13.15 -2.41 12.99
N LYS A 116 -13.93 -3.46 13.35
CA LYS A 116 -15.05 -3.39 14.29
C LYS A 116 -14.63 -3.59 15.76
N GLY A 117 -13.33 -3.55 16.04
CA GLY A 117 -12.81 -3.65 17.40
C GLY A 117 -12.37 -5.00 17.90
N PHE A 118 -12.32 -6.01 17.03
CA PHE A 118 -11.86 -7.35 17.42
C PHE A 118 -10.35 -7.43 17.46
N THR A 119 -9.82 -8.28 18.38
CA THR A 119 -8.41 -8.65 18.47
C THR A 119 -8.32 -9.84 17.51
N THR A 120 -7.36 -9.82 16.59
CA THR A 120 -7.25 -10.90 15.61
C THR A 120 -5.90 -11.57 15.72
N ALA A 121 -5.87 -12.88 15.44
CA ALA A 121 -4.61 -13.61 15.50
C ALA A 121 -4.53 -14.73 14.51
N ILE A 122 -3.30 -15.05 14.11
CA ILE A 122 -3.05 -16.21 13.28
C ILE A 122 -2.38 -17.21 14.22
N LEU A 123 -2.93 -18.42 14.32
CA LEU A 123 -2.34 -19.51 15.10
C LEU A 123 -2.05 -20.62 14.08
N THR A 124 -0.76 -20.95 13.89
CA THR A 124 -0.36 -21.91 12.88
C THR A 124 0.75 -22.90 13.24
N ASN A 125 0.61 -24.12 12.72
CA ASN A 125 1.61 -25.18 12.79
C ASN A 125 2.46 -24.94 11.58
N THR A 126 3.66 -24.40 11.81
CA THR A 126 4.58 -24.04 10.75
C THR A 126 6.00 -24.45 11.09
N TRP A 127 6.90 -24.28 10.13
CA TRP A 127 8.28 -24.72 10.17
C TRP A 127 9.26 -23.56 10.01
N LEU A 128 10.55 -23.83 10.28
CA LEU A 128 11.66 -22.90 10.10
C LEU A 128 12.18 -23.19 8.73
N ASP A 129 11.83 -22.33 7.78
CA ASP A 129 12.16 -22.52 6.37
C ASP A 129 13.52 -21.98 5.95
N ASP A 130 14.48 -22.90 5.67
CA ASP A 130 15.85 -22.58 5.24
C ASP A 130 16.14 -23.06 3.80
N ARG A 131 15.07 -23.29 3.00
CA ARG A 131 15.18 -23.69 1.59
C ARG A 131 15.74 -22.51 0.81
N ALA A 132 16.37 -22.76 -0.33
CA ALA A 132 16.88 -21.69 -1.18
C ALA A 132 15.73 -20.77 -1.67
N GLU A 133 14.49 -21.31 -1.76
CA GLU A 133 13.29 -20.57 -2.23
C GLU A 133 12.31 -20.12 -1.13
N ARG A 134 12.84 -19.97 0.11
CA ARG A 134 12.12 -19.58 1.33
C ARG A 134 11.52 -18.18 1.27
N ASP A 135 12.06 -17.30 0.41
CA ASP A 135 11.59 -15.92 0.28
C ASP A 135 10.12 -15.77 -0.12
N GLY A 136 9.63 -16.66 -0.97
CA GLY A 136 8.23 -16.67 -1.41
C GLY A 136 7.28 -16.76 -0.23
N LEU A 137 7.55 -17.71 0.68
CA LEU A 137 6.78 -17.90 1.91
C LEU A 137 6.97 -16.70 2.84
N ALA A 138 8.21 -16.15 2.96
CA ALA A 138 8.50 -15.00 3.82
C ALA A 138 7.63 -13.81 3.42
N GLN A 139 7.49 -13.58 2.10
CA GLN A 139 6.67 -12.52 1.49
C GLN A 139 5.18 -12.70 1.85
N LEU A 140 4.68 -13.95 1.76
CA LEU A 140 3.30 -14.32 2.06
C LEU A 140 2.99 -14.01 3.50
N MET A 141 3.91 -14.41 4.41
CA MET A 141 3.79 -14.20 5.85
C MET A 141 3.83 -12.72 6.19
N CYS A 142 4.70 -11.96 5.51
CA CYS A 142 4.80 -10.52 5.71
C CYS A 142 3.53 -9.85 5.32
N GLU A 143 3.00 -10.17 4.12
CA GLU A 143 1.74 -9.59 3.68
C GLU A 143 0.59 -9.88 4.64
N LEU A 144 0.44 -11.15 5.04
CA LEU A 144 -0.62 -11.58 5.96
C LEU A 144 -0.50 -10.98 7.37
N LYS A 145 0.65 -11.19 8.05
CA LYS A 145 0.86 -10.79 9.44
C LYS A 145 0.55 -9.35 9.83
N MET A 146 0.79 -8.38 8.91
N MET A 146 0.80 -8.39 8.93
CA MET A 146 0.55 -6.93 9.13
CA MET A 146 0.57 -6.97 9.22
C MET A 146 -0.90 -6.60 9.49
C MET A 146 -0.89 -6.54 9.37
N HIS A 147 -1.84 -7.44 9.04
CA HIS A 147 -3.28 -7.25 9.19
C HIS A 147 -3.83 -7.84 10.48
N PHE A 148 -2.95 -8.45 11.32
CA PHE A 148 -3.33 -9.11 12.55
C PHE A 148 -2.60 -8.55 13.76
N ASP A 149 -3.24 -8.67 14.94
CA ASP A 149 -2.65 -8.23 16.21
C ASP A 149 -1.55 -9.16 16.66
N PHE A 150 -1.70 -10.48 16.36
CA PHE A 150 -0.73 -11.48 16.76
C PHE A 150 -0.53 -12.57 15.71
N LEU A 151 0.68 -13.10 15.67
CA LEU A 151 1.03 -14.23 14.82
C LEU A 151 1.72 -15.23 15.74
N ILE A 152 1.07 -16.37 15.99
CA ILE A 152 1.61 -17.42 16.85
C ILE A 152 1.96 -18.61 15.97
N GLU A 153 3.26 -18.90 15.88
CA GLU A 153 3.87 -19.95 15.07
C GLU A 153 4.40 -21.04 15.97
N SER A 154 3.96 -22.28 15.73
CA SER A 154 4.36 -23.47 16.47
C SER A 154 5.89 -23.58 16.63
N CYS A 155 6.66 -23.42 15.53
CA CYS A 155 8.13 -23.53 15.51
C CYS A 155 8.84 -22.44 16.33
N GLN A 156 8.12 -21.36 16.64
CA GLN A 156 8.66 -20.27 17.45
C GLN A 156 8.31 -20.41 18.93
N VAL A 157 7.15 -21.00 19.23
CA VAL A 157 6.68 -21.24 20.60
C VAL A 157 7.02 -22.65 21.16
N GLY A 158 7.57 -23.54 20.32
CA GLY A 158 7.96 -24.89 20.69
C GLY A 158 6.80 -25.80 21.12
N MET A 159 5.57 -25.41 20.76
CA MET A 159 4.30 -26.08 21.05
C MET A 159 3.60 -26.33 19.73
N VAL A 160 2.61 -27.22 19.72
CA VAL A 160 1.95 -27.62 18.47
C VAL A 160 0.47 -27.85 18.68
N LYS A 161 -0.36 -27.61 17.65
CA LYS A 161 -1.79 -27.97 17.69
C LYS A 161 -1.79 -29.49 17.36
N PRO A 162 -2.56 -30.35 18.05
CA PRO A 162 -3.63 -30.07 19.02
C PRO A 162 -3.25 -30.09 20.51
N GLU A 163 -1.96 -29.93 20.89
CA GLU A 163 -1.54 -29.93 22.30
C GLU A 163 -2.27 -28.83 23.09
N PRO A 164 -2.89 -29.17 24.25
CA PRO A 164 -3.66 -28.15 25.01
C PRO A 164 -2.89 -26.90 25.43
N GLN A 165 -1.56 -26.98 25.60
CA GLN A 165 -0.67 -25.88 26.02
C GLN A 165 -0.72 -24.67 25.05
N ILE A 166 -0.77 -24.92 23.74
CA ILE A 166 -0.81 -23.87 22.71
C ILE A 166 -2.09 -23.01 22.81
N TYR A 167 -3.22 -23.63 23.20
CA TYR A 167 -4.51 -22.97 23.36
C TYR A 167 -4.51 -22.10 24.59
N LYS A 168 -3.83 -22.57 25.67
CA LYS A 168 -3.68 -21.80 26.90
C LYS A 168 -2.74 -20.61 26.62
N PHE A 169 -1.69 -20.83 25.78
CA PHE A 169 -0.75 -19.81 25.34
C PHE A 169 -1.51 -18.75 24.52
N LEU A 170 -2.32 -19.19 23.53
CA LEU A 170 -3.15 -18.32 22.69
C LEU A 170 -4.05 -17.40 23.53
N LEU A 171 -4.78 -17.97 24.50
CA LEU A 171 -5.69 -17.21 25.37
C LEU A 171 -4.94 -16.19 26.21
N ASP A 172 -3.71 -16.53 26.61
CA ASP A 172 -2.86 -15.64 27.39
C ASP A 172 -2.40 -14.45 26.54
N THR A 173 -1.97 -14.69 25.28
CA THR A 173 -1.56 -13.57 24.42
C THR A 173 -2.73 -12.70 24.03
N LEU A 174 -3.93 -13.29 23.86
CA LEU A 174 -5.14 -12.55 23.53
C LEU A 174 -5.66 -11.72 24.70
N LYS A 175 -5.35 -12.14 25.95
CA LYS A 175 -5.82 -11.54 27.22
C LYS A 175 -7.36 -11.56 27.17
N ALA A 176 -7.91 -12.74 26.82
CA ALA A 176 -9.32 -13.00 26.65
C ALA A 176 -9.70 -14.36 27.20
N SER A 177 -10.91 -14.48 27.75
CA SER A 177 -11.43 -15.76 28.25
C SER A 177 -11.96 -16.55 27.07
N PRO A 178 -11.88 -17.89 27.08
CA PRO A 178 -12.30 -18.68 25.91
C PRO A 178 -13.64 -18.35 25.25
N SER A 179 -14.68 -18.00 26.03
CA SER A 179 -16.02 -17.68 25.50
C SER A 179 -16.06 -16.42 24.61
N GLU A 180 -15.02 -15.58 24.69
CA GLU A 180 -14.86 -14.35 23.91
C GLU A 180 -14.10 -14.63 22.56
N VAL A 181 -13.75 -15.89 22.28
CA VAL A 181 -12.95 -16.24 21.12
C VAL A 181 -13.62 -17.16 20.08
N VAL A 182 -13.52 -16.74 18.78
CA VAL A 182 -13.89 -17.52 17.61
C VAL A 182 -12.57 -18.07 17.11
N PHE A 183 -12.53 -19.34 16.81
CA PHE A 183 -11.33 -20.02 16.32
C PHE A 183 -11.71 -20.75 15.03
N LEU A 184 -11.00 -20.46 13.93
CA LEU A 184 -11.28 -21.06 12.63
C LEU A 184 -10.14 -21.93 12.20
N ASP A 185 -10.43 -23.20 11.88
CA ASP A 185 -9.43 -24.17 11.45
C ASP A 185 -10.07 -25.16 10.47
N ASP A 186 -9.26 -25.76 9.59
CA ASP A 186 -9.72 -26.73 8.59
C ASP A 186 -9.53 -28.19 9.07
N ILE A 187 -8.81 -28.38 10.19
CA ILE A 187 -8.53 -29.69 10.79
C ILE A 187 -9.33 -29.84 12.07
N GLY A 188 -10.30 -30.76 12.02
CA GLY A 188 -11.21 -31.08 13.11
C GLY A 188 -10.56 -31.38 14.44
N ALA A 189 -9.44 -32.12 14.42
CA ALA A 189 -8.66 -32.49 15.62
C ALA A 189 -8.09 -31.26 16.33
N ASN A 190 -7.75 -30.20 15.55
CA ASN A 190 -7.20 -28.94 16.06
C ASN A 190 -8.26 -28.00 16.65
N LEU A 191 -9.53 -28.18 16.25
CA LEU A 191 -10.68 -27.44 16.76
C LEU A 191 -11.07 -27.95 18.13
N LYS A 192 -11.05 -29.29 18.31
CA LYS A 192 -11.39 -30.02 19.54
C LYS A 192 -10.90 -29.36 20.84
N PRO A 193 -9.58 -29.07 21.04
CA PRO A 193 -9.17 -28.47 22.31
C PRO A 193 -9.75 -27.08 22.54
N ALA A 194 -9.94 -26.29 21.46
CA ALA A 194 -10.53 -24.96 21.55
C ALA A 194 -11.99 -25.06 22.00
N ARG A 195 -12.77 -25.98 21.39
CA ARG A 195 -14.18 -26.28 21.74
C ARG A 195 -14.24 -26.71 23.21
N ASP A 196 -13.43 -27.73 23.58
CA ASP A 196 -13.30 -28.29 24.93
C ASP A 196 -13.03 -27.22 26.01
N LEU A 197 -12.43 -26.08 25.64
CA LEU A 197 -12.13 -24.94 26.52
C LEU A 197 -13.31 -23.93 26.59
N GLY A 198 -14.27 -24.05 25.67
CA GLY A 198 -15.41 -23.13 25.59
C GLY A 198 -15.31 -22.08 24.50
N MET A 199 -14.33 -22.21 23.59
CA MET A 199 -14.20 -21.26 22.48
C MET A 199 -15.20 -21.59 21.38
N VAL A 200 -15.73 -20.54 20.70
CA VAL A 200 -16.59 -20.74 19.52
C VAL A 200 -15.64 -21.24 18.40
N THR A 201 -15.99 -22.35 17.78
CA THR A 201 -15.17 -22.97 16.74
C THR A 201 -15.92 -23.09 15.44
N ILE A 202 -15.17 -22.94 14.33
CA ILE A 202 -15.70 -23.05 12.97
C ILE A 202 -14.78 -23.97 12.21
N LEU A 203 -15.36 -25.05 11.65
CA LEU A 203 -14.63 -25.98 10.82
C LEU A 203 -14.70 -25.41 9.43
N VAL A 204 -13.53 -25.07 8.87
CA VAL A 204 -13.43 -24.45 7.56
C VAL A 204 -13.26 -25.48 6.46
N GLN A 205 -14.26 -25.61 5.60
CA GLN A 205 -14.16 -26.45 4.40
C GLN A 205 -14.11 -25.39 3.31
N ASP A 206 -15.28 -24.98 2.79
CA ASP A 206 -15.33 -23.89 1.80
C ASP A 206 -15.42 -22.59 2.60
N THR A 207 -14.72 -21.57 2.12
CA THR A 207 -14.66 -20.24 2.74
C THR A 207 -16.05 -19.63 2.98
N ASP A 208 -16.91 -19.68 1.97
CA ASP A 208 -18.26 -19.13 2.01
C ASP A 208 -19.10 -19.59 3.20
N THR A 209 -19.17 -20.93 3.41
CA THR A 209 -19.94 -21.50 4.55
C THR A 209 -19.32 -21.07 5.87
N ALA A 210 -17.98 -21.14 5.96
CA ALA A 210 -17.21 -20.72 7.15
C ALA A 210 -17.51 -19.25 7.52
N LEU A 211 -17.59 -18.37 6.50
CA LEU A 211 -17.88 -16.95 6.69
C LEU A 211 -19.34 -16.70 7.06
N LYS A 212 -20.25 -17.58 6.57
CA LYS A 212 -21.67 -17.52 6.91
C LYS A 212 -21.80 -17.83 8.40
N GLU A 213 -21.04 -18.84 8.89
CA GLU A 213 -21.00 -19.25 10.31
C GLU A 213 -20.38 -18.14 11.14
N LEU A 214 -19.30 -17.55 10.63
CA LEU A 214 -18.55 -16.46 11.29
C LEU A 214 -19.38 -15.18 11.42
N GLU A 215 -20.16 -14.87 10.40
CA GLU A 215 -21.03 -13.69 10.35
C GLU A 215 -22.19 -13.86 11.35
N LYS A 216 -22.79 -15.04 11.36
CA LYS A 216 -23.89 -15.43 12.25
C LYS A 216 -23.50 -15.37 13.73
N VAL A 217 -22.28 -15.86 14.04
CA VAL A 217 -21.81 -15.88 15.43
C VAL A 217 -21.30 -14.51 15.97
N THR A 218 -20.72 -13.65 15.11
CA THR A 218 -20.21 -12.33 15.51
C THR A 218 -21.27 -11.21 15.38
N GLY A 219 -22.29 -11.44 14.56
CA GLY A 219 -23.34 -10.46 14.29
C GLY A 219 -22.84 -9.30 13.45
N ILE A 220 -21.79 -9.55 12.65
CA ILE A 220 -21.13 -8.58 11.76
C ILE A 220 -21.17 -9.12 10.34
N GLN A 221 -21.66 -8.29 9.40
CA GLN A 221 -21.72 -8.60 7.97
C GLN A 221 -20.27 -8.76 7.46
N LEU A 222 -19.97 -9.93 6.89
CA LEU A 222 -18.65 -10.25 6.36
C LEU A 222 -18.77 -10.70 4.91
N LEU A 223 -19.92 -11.31 4.57
CA LEU A 223 -20.21 -11.76 3.22
C LEU A 223 -20.99 -10.69 2.49
N ASN A 224 -20.81 -10.59 1.15
CA ASN A 224 -21.54 -9.67 0.27
C ASN A 224 -21.37 -8.21 0.67
N THR A 225 -20.24 -7.90 1.28
CA THR A 225 -19.93 -6.58 1.78
C THR A 225 -19.41 -5.69 0.62
N PRO A 226 -19.58 -4.34 0.66
CA PRO A 226 -19.02 -3.51 -0.42
C PRO A 226 -17.50 -3.64 -0.53
N ALA A 227 -16.95 -3.38 -1.72
CA ALA A 227 -15.53 -3.48 -1.99
C ALA A 227 -14.74 -2.66 -0.96
N PRO A 228 -13.76 -3.26 -0.27
CA PRO A 228 -13.02 -2.49 0.75
C PRO A 228 -11.98 -1.55 0.13
N LEU A 229 -11.63 -0.47 0.87
CA LEU A 229 -10.60 0.47 0.38
C LEU A 229 -9.22 -0.22 0.47
N PRO A 230 -8.19 0.20 -0.31
CA PRO A 230 -6.85 -0.42 -0.15
C PRO A 230 -6.29 -0.19 1.26
N THR A 231 -5.25 -0.94 1.66
CA THR A 231 -4.61 -0.76 2.98
C THR A 231 -4.05 0.69 3.06
N SER A 232 -4.23 1.34 4.22
CA SER A 232 -3.72 2.68 4.44
C SER A 232 -2.44 2.62 5.29
N CYS A 233 -1.89 3.77 5.68
CA CYS A 233 -0.67 3.81 6.48
C CYS A 233 -0.97 4.38 7.83
N ASN A 234 -0.33 3.83 8.87
CA ASN A 234 -0.36 4.40 10.21
C ASN A 234 1.01 5.11 10.31
N PRO A 235 1.04 6.47 10.34
CA PRO A 235 2.32 7.21 10.38
C PRO A 235 3.39 6.71 11.34
N SER A 236 2.98 6.27 12.55
CA SER A 236 3.91 5.80 13.59
C SER A 236 4.49 4.40 13.36
N ASP A 237 3.97 3.67 12.37
CA ASP A 237 4.45 2.34 12.00
C ASP A 237 5.30 2.38 10.72
N MET A 238 5.61 3.57 10.20
CA MET A 238 6.40 3.70 8.97
C MET A 238 7.87 3.96 9.27
N SER A 239 8.72 3.63 8.30
CA SER A 239 10.14 3.95 8.37
C SER A 239 10.20 5.40 7.90
N HIS A 240 10.75 6.31 8.73
CA HIS A 240 10.87 7.74 8.39
C HIS A 240 12.31 8.06 8.02
N GLY A 241 12.51 8.63 6.83
CA GLY A 241 13.83 8.98 6.31
C GLY A 241 14.08 10.46 6.24
N TYR A 242 15.35 10.89 6.47
CA TYR A 242 15.75 12.30 6.47
C TYR A 242 17.09 12.50 5.77
N VAL A 243 17.11 13.35 4.74
CA VAL A 243 18.28 13.65 3.92
C VAL A 243 18.50 15.17 3.90
N THR A 244 19.72 15.62 4.24
CA THR A 244 20.06 17.03 4.11
C THR A 244 20.51 17.25 2.65
N VAL A 245 19.79 18.09 1.90
CA VAL A 245 20.13 18.38 0.48
C VAL A 245 21.05 19.57 0.32
N LYS A 246 21.05 20.47 1.32
CA LYS A 246 21.91 21.66 1.43
C LYS A 246 21.85 22.23 2.87
N PRO A 247 22.83 23.07 3.32
CA PRO A 247 22.85 23.53 4.73
C PRO A 247 21.54 23.82 5.46
N ARG A 248 20.62 24.54 4.85
CA ARG A 248 19.36 24.87 5.52
C ARG A 248 18.17 23.96 5.12
N VAL A 249 18.39 23.01 4.17
CA VAL A 249 17.31 22.16 3.67
C VAL A 249 17.51 20.68 3.92
N ARG A 250 16.52 20.09 4.57
CA ARG A 250 16.42 18.67 4.87
C ARG A 250 15.08 18.16 4.28
N LEU A 251 15.11 17.00 3.60
CA LEU A 251 13.87 16.43 3.07
C LEU A 251 13.49 15.17 3.83
N HIS A 252 12.22 15.10 4.22
CA HIS A 252 11.63 13.96 4.90
C HIS A 252 10.86 13.09 3.91
N PHE A 253 10.91 11.78 4.15
CA PHE A 253 10.18 10.80 3.36
C PHE A 253 9.83 9.57 4.18
N VAL A 254 8.79 8.85 3.73
CA VAL A 254 8.35 7.59 4.29
C VAL A 254 8.77 6.54 3.28
N GLU A 255 9.34 5.42 3.77
CA GLU A 255 9.89 4.38 2.91
C GLU A 255 9.35 2.98 3.18
N LEU A 256 8.85 2.32 2.12
CA LEU A 256 8.31 0.97 2.25
C LEU A 256 8.53 0.14 0.98
N GLY A 257 8.97 -1.10 1.20
CA GLY A 257 9.16 -2.06 0.13
C GLY A 257 10.56 -2.17 -0.41
N SER A 258 10.76 -3.16 -1.27
CA SER A 258 12.02 -3.45 -1.94
C SER A 258 11.77 -3.53 -3.41
N GLY A 259 12.79 -3.19 -4.20
CA GLY A 259 12.68 -3.21 -5.64
C GLY A 259 13.09 -1.89 -6.27
N PRO A 260 12.63 -1.61 -7.50
CA PRO A 260 13.00 -0.32 -8.12
C PRO A 260 12.36 0.83 -7.35
N ALA A 261 13.12 1.91 -7.11
CA ALA A 261 12.69 3.09 -6.35
C ALA A 261 11.63 3.86 -7.09
N VAL A 262 10.53 4.19 -6.38
CA VAL A 262 9.38 4.93 -6.88
C VAL A 262 9.20 6.12 -5.96
N CYS A 263 9.51 7.31 -6.47
CA CYS A 263 9.42 8.56 -5.73
C CYS A 263 8.09 9.28 -5.95
N LEU A 264 7.28 9.35 -4.88
CA LEU A 264 5.96 9.97 -4.87
C LEU A 264 6.03 11.40 -4.41
N CYS A 265 5.51 12.31 -5.24
CA CYS A 265 5.54 13.77 -5.05
C CYS A 265 4.14 14.37 -4.98
N HIS A 266 3.70 14.77 -3.77
CA HIS A 266 2.38 15.31 -3.52
C HIS A 266 2.18 16.72 -4.07
N GLY A 267 0.93 17.16 -4.06
CA GLY A 267 0.54 18.49 -4.51
C GLY A 267 0.31 19.46 -3.37
N PHE A 268 -0.39 20.55 -3.68
CA PHE A 268 -0.70 21.62 -2.74
C PHE A 268 -2.14 21.54 -2.22
N PRO A 269 -2.39 21.71 -0.89
CA PRO A 269 -1.46 21.84 0.25
C PRO A 269 -1.45 20.49 0.94
N GLU A 270 -0.54 19.61 0.52
CA GLU A 270 -0.61 18.23 0.98
C GLU A 270 0.47 17.66 1.89
N SER A 271 0.82 16.36 1.73
CA SER A 271 1.71 15.62 2.64
C SER A 271 2.12 14.32 1.97
N TRP A 272 3.15 13.61 2.55
CA TRP A 272 3.48 12.25 2.12
C TRP A 272 2.21 11.39 2.28
N TYR A 273 1.41 11.67 3.35
CA TYR A 273 0.18 10.97 3.74
C TYR A 273 -0.94 10.99 2.66
N SER A 274 -0.80 11.87 1.66
CA SER A 274 -1.76 11.93 0.55
C SER A 274 -1.70 10.65 -0.29
N TRP A 275 -0.56 9.92 -0.21
CA TRP A 275 -0.24 8.65 -0.85
C TRP A 275 -0.48 7.44 0.07
N ARG A 276 -1.13 7.63 1.23
CA ARG A 276 -1.38 6.54 2.21
C ARG A 276 -1.96 5.23 1.62
N TYR A 277 -2.90 5.34 0.68
CA TYR A 277 -3.53 4.21 0.01
C TYR A 277 -2.64 3.59 -1.10
N GLN A 278 -1.61 4.33 -1.60
CA GLN A 278 -0.70 3.83 -2.65
C GLN A 278 0.52 3.15 -2.08
N ILE A 279 1.08 3.66 -0.97
CA ILE A 279 2.30 3.12 -0.34
C ILE A 279 2.24 1.59 -0.08
N PRO A 280 1.29 1.02 0.70
CA PRO A 280 1.27 -0.43 0.89
C PRO A 280 1.10 -1.23 -0.41
N ALA A 281 0.20 -0.76 -1.31
CA ALA A 281 -0.06 -1.40 -2.61
C ALA A 281 1.15 -1.47 -3.53
N LEU A 282 1.87 -0.33 -3.72
CA LEU A 282 3.06 -0.32 -4.59
C LEU A 282 4.22 -1.13 -3.99
N ALA A 283 4.38 -1.12 -2.64
CA ALA A 283 5.43 -1.92 -1.98
C ALA A 283 5.09 -3.40 -2.19
N GLN A 284 3.81 -3.75 -2.04
CA GLN A 284 3.32 -5.12 -2.24
C GLN A 284 3.48 -5.59 -3.70
N ALA A 285 3.43 -4.66 -4.68
CA ALA A 285 3.60 -4.95 -6.11
C ALA A 285 5.07 -5.12 -6.52
N GLY A 286 6.01 -4.96 -5.58
CA GLY A 286 7.43 -5.18 -5.86
C GLY A 286 8.26 -3.94 -6.08
N TYR A 287 7.90 -2.83 -5.42
CA TYR A 287 8.61 -1.57 -5.55
C TYR A 287 9.06 -1.02 -4.21
N ARG A 288 10.12 -0.21 -4.25
CA ARG A 288 10.64 0.51 -3.09
C ARG A 288 10.03 1.89 -3.17
N VAL A 289 9.04 2.15 -2.32
CA VAL A 289 8.33 3.43 -2.30
C VAL A 289 9.03 4.48 -1.44
N LEU A 290 9.22 5.69 -1.97
CA LEU A 290 9.78 6.81 -1.25
C LEU A 290 8.74 7.93 -1.32
N ALA A 291 7.84 8.00 -0.32
CA ALA A 291 6.77 9.03 -0.29
C ALA A 291 7.30 10.29 0.38
N MET A 292 7.47 11.35 -0.41
CA MET A 292 8.02 12.62 0.09
C MET A 292 7.08 13.53 0.81
N ASP A 293 7.65 14.33 1.72
CA ASP A 293 7.11 15.54 2.27
C ASP A 293 7.89 16.49 1.37
N MET A 294 7.22 17.19 0.45
CA MET A 294 7.94 18.07 -0.48
C MET A 294 8.46 19.29 0.29
N LYS A 295 9.45 20.02 -0.25
CA LYS A 295 10.00 21.20 0.41
C LYS A 295 8.85 22.17 0.80
N GLY A 296 8.86 22.63 2.06
CA GLY A 296 7.84 23.49 2.63
C GLY A 296 6.78 22.78 3.45
N TYR A 297 6.81 21.44 3.43
CA TYR A 297 5.77 20.62 4.05
C TYR A 297 6.25 19.64 5.12
N GLY A 298 5.37 19.38 6.09
CA GLY A 298 5.55 18.40 7.14
C GLY A 298 6.88 18.48 7.87
N GLU A 299 7.64 17.37 7.82
CA GLU A 299 8.95 17.30 8.46
C GLU A 299 10.13 17.75 7.56
N SER A 300 9.82 18.19 6.33
CA SER A 300 10.84 18.74 5.42
C SER A 300 11.02 20.20 5.81
N SER A 301 12.16 20.78 5.49
CA SER A 301 12.43 22.18 5.83
C SER A 301 11.48 23.08 5.03
N ALA A 302 11.18 24.26 5.57
CA ALA A 302 10.35 25.28 4.94
C ALA A 302 11.03 26.64 5.02
N PRO A 303 12.12 26.92 4.22
CA PRO A 303 12.73 28.27 4.25
C PRO A 303 11.73 29.34 3.79
N PRO A 304 11.81 30.59 4.31
CA PRO A 304 10.78 31.61 3.96
C PRO A 304 10.82 32.20 2.55
N GLU A 305 12.02 32.27 1.94
CA GLU A 305 12.29 32.92 0.65
C GLU A 305 11.53 32.31 -0.49
N ILE A 306 10.89 33.13 -1.30
CA ILE A 306 10.08 32.68 -2.46
C ILE A 306 10.90 31.83 -3.45
N GLU A 307 12.13 32.31 -3.79
CA GLU A 307 13.04 31.71 -4.77
C GLU A 307 13.54 30.28 -4.45
N GLU A 308 13.39 29.88 -3.19
CA GLU A 308 13.75 28.55 -2.70
C GLU A 308 12.76 27.51 -3.24
N TYR A 309 11.63 27.99 -3.80
CA TYR A 309 10.54 27.18 -4.31
C TYR A 309 10.32 27.23 -5.82
N CYS A 310 11.27 27.82 -6.57
CA CYS A 310 11.17 27.77 -8.02
C CYS A 310 11.53 26.34 -8.45
N MET A 311 11.04 25.92 -9.61
CA MET A 311 11.24 24.58 -10.11
C MET A 311 12.67 24.14 -10.30
N GLU A 312 13.55 25.04 -10.77
CA GLU A 312 14.97 24.75 -10.94
C GLU A 312 15.60 24.29 -9.64
N VAL A 313 15.35 25.02 -8.53
CA VAL A 313 15.92 24.64 -7.24
C VAL A 313 15.28 23.39 -6.65
N LEU A 314 13.97 23.24 -6.82
CA LEU A 314 13.22 22.07 -6.35
C LEU A 314 13.73 20.80 -7.03
N CYS A 315 13.95 20.85 -8.36
CA CYS A 315 14.45 19.73 -9.17
C CYS A 315 15.89 19.39 -8.80
N LYS A 316 16.79 20.41 -8.67
CA LYS A 316 18.17 20.24 -8.25
C LYS A 316 18.25 19.54 -6.90
N GLU A 317 17.41 19.96 -5.95
CA GLU A 317 17.34 19.33 -4.63
C GLU A 317 16.86 17.89 -4.68
N MET A 318 15.94 17.56 -5.62
CA MET A 318 15.45 16.18 -5.81
C MET A 318 16.54 15.27 -6.40
N VAL A 319 17.44 15.83 -7.24
CA VAL A 319 18.60 15.15 -7.81
C VAL A 319 19.60 14.85 -6.64
N THR A 320 19.90 15.87 -5.82
CA THR A 320 20.77 15.75 -4.63
C THR A 320 20.21 14.65 -3.70
N PHE A 321 18.86 14.64 -3.52
CA PHE A 321 18.17 13.64 -2.71
C PHE A 321 18.54 12.23 -3.18
N LEU A 322 18.52 11.99 -4.51
CA LEU A 322 18.89 10.71 -5.12
C LEU A 322 20.39 10.41 -4.91
N ASP A 323 21.24 11.43 -5.10
CA ASP A 323 22.69 11.34 -4.90
C ASP A 323 23.01 10.85 -3.50
N LYS A 324 22.42 11.50 -2.49
CA LYS A 324 22.69 11.18 -1.10
C LYS A 324 22.18 9.83 -0.63
N LEU A 325 21.14 9.31 -1.29
CA LEU A 325 20.56 7.99 -0.99
C LEU A 325 21.27 6.89 -1.76
N GLY A 326 22.12 7.29 -2.71
CA GLY A 326 22.88 6.39 -3.60
C GLY A 326 22.02 5.79 -4.69
N LEU A 327 21.01 6.54 -5.17
CA LEU A 327 20.09 6.06 -6.22
C LEU A 327 20.44 6.74 -7.51
N SER A 328 20.72 5.95 -8.56
CA SER A 328 21.07 6.53 -9.85
C SER A 328 19.81 6.97 -10.55
N GLN A 329 18.68 6.30 -10.27
CA GLN A 329 17.37 6.58 -10.82
C GLN A 329 16.24 6.30 -9.84
N ALA A 330 15.07 6.89 -10.13
CA ALA A 330 13.81 6.59 -9.47
C ALA A 330 12.71 6.83 -10.46
N VAL A 331 11.59 6.12 -10.29
CA VAL A 331 10.44 6.47 -11.09
C VAL A 331 9.76 7.65 -10.35
N PHE A 332 9.41 8.71 -11.07
CA PHE A 332 8.81 9.87 -10.45
C PHE A 332 7.33 9.94 -10.75
N ILE A 333 6.51 9.82 -9.69
CA ILE A 333 5.04 9.92 -9.76
C ILE A 333 4.61 11.15 -9.00
N GLY A 334 3.95 12.07 -9.68
CA GLY A 334 3.47 13.31 -9.09
C GLY A 334 1.99 13.56 -9.24
N HIS A 335 1.46 14.43 -8.37
CA HIS A 335 0.07 14.87 -8.38
C HIS A 335 0.06 16.36 -8.09
N ASP A 336 -0.75 17.14 -8.84
CA ASP A 336 -0.90 18.59 -8.70
C ASP A 336 0.46 19.29 -8.87
N TRP A 337 0.99 20.04 -7.87
CA TRP A 337 2.31 20.66 -8.00
C TRP A 337 3.44 19.65 -8.19
N GLY A 338 3.32 18.48 -7.54
CA GLY A 338 4.25 17.37 -7.69
C GLY A 338 4.23 16.81 -9.11
N GLY A 339 3.07 16.90 -9.77
CA GLY A 339 2.88 16.47 -11.16
C GLY A 339 3.68 17.35 -12.09
N MET A 340 3.66 18.66 -11.82
CA MET A 340 4.44 19.66 -12.54
C MET A 340 5.94 19.43 -12.37
N LEU A 341 6.42 19.19 -11.12
CA LEU A 341 7.84 18.97 -10.82
C LEU A 341 8.39 17.76 -11.60
N VAL A 342 7.60 16.69 -11.57
CA VAL A 342 7.83 15.41 -12.18
C VAL A 342 8.01 15.51 -13.72
N TRP A 343 7.20 16.32 -14.43
CA TRP A 343 7.44 16.52 -15.87
C TRP A 343 8.75 17.27 -16.09
N TYR A 344 9.08 18.24 -15.21
CA TYR A 344 10.34 18.97 -15.32
C TYR A 344 11.60 18.16 -14.95
N MET A 345 11.43 17.12 -14.08
CA MET A 345 12.50 16.17 -13.75
C MET A 345 12.82 15.37 -15.00
N ALA A 346 11.78 14.93 -15.74
CA ALA A 346 11.94 14.20 -17.01
C ALA A 346 12.62 15.03 -18.10
N LEU A 347 12.31 16.36 -18.20
CA LEU A 347 12.86 17.28 -19.21
C LEU A 347 14.31 17.70 -18.96
N PHE A 348 14.65 17.90 -17.68
CA PHE A 348 15.97 18.41 -17.31
C PHE A 348 16.94 17.37 -16.80
N TYR A 349 16.43 16.25 -16.27
CA TYR A 349 17.26 15.17 -15.72
C TYR A 349 16.72 13.80 -16.19
N PRO A 350 16.60 13.52 -17.51
CA PRO A 350 16.06 12.21 -17.94
C PRO A 350 16.87 10.99 -17.50
N GLU A 351 18.18 11.16 -17.30
CA GLU A 351 19.06 10.07 -16.88
C GLU A 351 18.82 9.60 -15.44
N ARG A 352 18.10 10.40 -14.65
CA ARG A 352 17.79 10.14 -13.25
C ARG A 352 16.38 9.68 -13.01
N VAL A 353 15.58 9.72 -14.08
CA VAL A 353 14.17 9.38 -14.05
C VAL A 353 13.99 8.11 -14.88
N ARG A 354 13.71 6.98 -14.19
CA ARG A 354 13.44 5.67 -14.79
C ARG A 354 12.19 5.76 -15.66
N ALA A 355 11.14 6.40 -15.13
CA ALA A 355 9.84 6.64 -15.78
C ALA A 355 9.18 7.80 -15.05
N VAL A 356 8.22 8.45 -15.70
CA VAL A 356 7.49 9.60 -15.17
C VAL A 356 5.98 9.39 -15.29
N ALA A 357 5.25 9.67 -14.22
CA ALA A 357 3.79 9.59 -14.19
C ALA A 357 3.19 10.80 -13.47
N SER A 358 2.09 11.32 -14.00
CA SER A 358 1.36 12.43 -13.41
C SER A 358 -0.13 12.15 -13.31
N LEU A 359 -0.68 12.51 -12.16
CA LEU A 359 -2.10 12.43 -11.87
C LEU A 359 -2.62 13.85 -12.00
N ASN A 360 -3.62 14.06 -12.87
CA ASN A 360 -4.31 15.33 -13.12
C ASN A 360 -3.47 16.40 -13.80
N THR A 361 -2.21 16.61 -13.37
CA THR A 361 -1.37 17.66 -13.95
C THR A 361 -0.87 17.31 -15.34
N PRO A 362 -1.33 18.06 -16.38
CA PRO A 362 -0.83 17.79 -17.74
C PRO A 362 0.54 18.43 -17.95
N PHE A 363 1.18 18.10 -19.07
CA PHE A 363 2.40 18.79 -19.43
C PHE A 363 2.02 19.80 -20.50
N ILE A 364 2.14 21.08 -20.18
CA ILE A 364 1.93 22.15 -21.14
C ILE A 364 3.21 22.99 -21.12
N PRO A 365 3.86 23.08 -22.27
CA PRO A 365 5.12 23.83 -22.35
C PRO A 365 4.94 25.32 -22.14
N ALA A 366 6.03 26.02 -21.77
CA ALA A 366 6.00 27.47 -21.60
C ALA A 366 5.63 28.10 -22.94
N ASN A 367 4.90 29.22 -22.90
CA ASN A 367 4.61 29.96 -24.12
C ASN A 367 5.68 31.06 -24.17
N PRO A 368 6.67 31.00 -25.09
CA PRO A 368 7.71 32.05 -25.10
C PRO A 368 7.19 33.41 -25.60
N ASN A 369 6.00 33.42 -26.20
CA ASN A 369 5.38 34.63 -26.75
C ASN A 369 4.35 35.29 -25.83
N MET A 370 4.30 34.86 -24.56
CA MET A 370 3.35 35.38 -23.57
C MET A 370 3.91 35.25 -22.16
N SER A 371 3.68 36.26 -21.32
CA SER A 371 4.10 36.25 -19.91
C SER A 371 3.26 35.22 -19.18
N PRO A 372 3.81 34.49 -18.18
CA PRO A 372 2.99 33.50 -17.45
C PRO A 372 1.73 34.11 -16.82
N LEU A 373 1.81 35.39 -16.34
CA LEU A 373 0.67 36.12 -15.77
C LEU A 373 -0.45 36.29 -16.79
N GLU A 374 -0.11 36.69 -18.05
CA GLU A 374 -1.05 36.84 -19.17
C GLU A 374 -1.78 35.49 -19.39
N SER A 375 -1.01 34.38 -19.47
CA SER A 375 -1.47 33.01 -19.68
C SER A 375 -2.42 32.55 -18.56
N ILE A 376 -2.02 32.75 -17.28
CA ILE A 376 -2.81 32.39 -16.09
C ILE A 376 -4.11 33.18 -16.04
N LYS A 377 -4.05 34.48 -16.40
CA LYS A 377 -5.21 35.36 -16.46
C LYS A 377 -6.19 34.92 -17.56
N ALA A 378 -5.68 34.32 -18.66
CA ALA A 378 -6.47 33.83 -19.78
C ALA A 378 -7.30 32.54 -19.49
N ASN A 379 -7.37 32.11 -18.20
CA ASN A 379 -8.15 30.94 -17.79
C ASN A 379 -8.87 31.15 -16.44
N PRO A 380 -10.20 31.40 -16.48
CA PRO A 380 -10.96 31.67 -15.23
C PRO A 380 -10.74 30.74 -14.04
N VAL A 381 -10.48 29.43 -14.29
CA VAL A 381 -10.24 28.48 -13.19
C VAL A 381 -8.92 28.70 -12.46
N PHE A 382 -7.94 29.38 -13.11
CA PHE A 382 -6.63 29.70 -12.51
C PHE A 382 -6.63 31.03 -11.74
N ASP A 383 -7.84 31.58 -11.43
CA ASP A 383 -7.99 32.85 -10.70
C ASP A 383 -7.34 32.78 -9.33
N TYR A 384 -7.61 31.68 -8.61
CA TYR A 384 -7.08 31.37 -7.28
C TYR A 384 -5.55 31.57 -7.18
N GLN A 385 -4.81 31.41 -8.32
CA GLN A 385 -3.36 31.56 -8.35
C GLN A 385 -2.96 33.01 -8.14
N LEU A 386 -3.73 33.97 -8.69
CA LEU A 386 -3.51 35.42 -8.52
C LEU A 386 -3.78 35.81 -7.07
N TYR A 387 -4.75 35.15 -6.43
CA TYR A 387 -5.06 35.37 -5.02
C TYR A 387 -3.87 34.88 -4.15
N PHE A 388 -3.17 33.82 -4.61
CA PHE A 388 -2.02 33.22 -3.93
C PHE A 388 -0.75 34.04 -4.06
N GLN A 389 -0.74 35.06 -4.96
CA GLN A 389 0.44 35.87 -5.23
C GLN A 389 0.95 36.78 -4.13
N GLU A 390 0.07 37.61 -3.54
CA GLU A 390 0.48 38.57 -2.51
C GLU A 390 0.86 37.88 -1.20
N PRO A 391 2.15 37.97 -0.81
CA PRO A 391 2.59 37.28 0.41
C PRO A 391 1.81 37.67 1.66
N GLY A 392 1.27 36.67 2.35
CA GLY A 392 0.58 36.84 3.63
C GLY A 392 -0.93 36.69 3.62
N VAL A 393 -1.59 37.08 2.53
CA VAL A 393 -3.05 37.07 2.41
C VAL A 393 -3.64 35.65 2.48
N ALA A 394 -3.18 34.74 1.59
CA ALA A 394 -3.65 33.36 1.59
C ALA A 394 -3.15 32.64 2.85
N GLU A 395 -1.92 32.95 3.34
CA GLU A 395 -1.40 32.34 4.58
C GLU A 395 -2.39 32.58 5.74
N ALA A 396 -2.79 33.85 5.94
CA ALA A 396 -3.73 34.26 6.98
C ALA A 396 -5.06 33.50 6.94
N GLU A 397 -5.64 33.37 5.73
CA GLU A 397 -6.90 32.65 5.53
C GLU A 397 -6.73 31.14 5.71
N LEU A 398 -5.64 30.57 5.18
CA LEU A 398 -5.44 29.13 5.26
C LEU A 398 -4.99 28.67 6.64
N GLU A 399 -4.29 29.55 7.40
CA GLU A 399 -3.81 29.25 8.75
C GLU A 399 -4.81 29.63 9.89
N GLN A 400 -5.89 30.38 9.59
CA GLN A 400 -6.86 30.81 10.62
C GLN A 400 -7.45 29.65 11.43
N ASN A 401 -7.93 28.61 10.74
CA ASN A 401 -8.53 27.43 11.33
C ASN A 401 -8.13 26.28 10.43
N LEU A 402 -7.13 25.49 10.84
CA LEU A 402 -6.59 24.37 10.07
C LEU A 402 -7.61 23.30 9.76
N SER A 403 -8.39 22.88 10.76
CA SER A 403 -9.44 21.88 10.60
C SER A 403 -10.43 22.32 9.51
N ARG A 404 -10.86 23.60 9.53
CA ARG A 404 -11.77 24.16 8.53
C ARG A 404 -11.07 24.15 7.15
N THR A 405 -9.80 24.57 7.10
CA THR A 405 -9.03 24.56 5.85
C THR A 405 -9.09 23.19 5.15
N PHE A 406 -8.65 22.10 5.82
CA PHE A 406 -8.61 20.75 5.25
C PHE A 406 -9.96 20.13 4.99
N LYS A 407 -10.95 20.40 5.88
CA LYS A 407 -12.32 19.94 5.70
C LYS A 407 -13.00 20.59 4.49
N SER A 408 -12.70 21.88 4.22
CA SER A 408 -13.24 22.64 3.08
C SER A 408 -12.58 22.21 1.77
N LEU A 409 -11.26 21.96 1.82
CA LEU A 409 -10.49 21.59 0.63
C LEU A 409 -10.73 20.16 0.18
N PHE A 410 -10.53 19.22 1.10
CA PHE A 410 -10.59 17.79 0.83
C PHE A 410 -12.01 17.24 0.73
N ARG A 411 -12.67 17.45 -0.43
CA ARG A 411 -14.03 16.96 -0.71
C ARG A 411 -14.13 16.34 -2.07
N ALA A 412 -15.00 15.31 -2.24
CA ALA A 412 -15.27 14.63 -3.51
C ALA A 412 -16.06 15.58 -4.42
N SER A 413 -16.03 15.34 -5.75
CA SER A 413 -16.68 16.19 -6.78
C SER A 413 -18.17 16.57 -6.55
N ASP A 414 -18.89 15.74 -5.78
CA ASP A 414 -20.31 15.89 -5.42
C ASP A 414 -20.52 16.41 -3.98
N GLU A 415 -19.45 16.90 -3.33
CA GLU A 415 -19.52 17.35 -1.93
C GLU A 415 -19.30 18.83 -1.74
N SER A 416 -19.91 19.66 -2.60
CA SER A 416 -19.81 21.12 -2.53
C SER A 416 -18.34 21.57 -2.52
N VAL A 417 -17.57 21.04 -3.51
CA VAL A 417 -16.16 21.34 -3.73
C VAL A 417 -16.04 22.84 -4.00
N LEU A 418 -15.00 23.48 -3.42
CA LEU A 418 -14.76 24.92 -3.58
C LEU A 418 -14.66 25.31 -5.04
N SER A 419 -15.36 26.42 -5.41
CA SER A 419 -15.31 27.00 -6.74
C SER A 419 -14.09 27.90 -6.83
N MET A 420 -13.22 27.65 -7.83
CA MET A 420 -11.96 28.37 -8.02
C MET A 420 -12.07 29.65 -8.86
N HIS A 421 -13.30 29.93 -9.37
CA HIS A 421 -13.60 31.12 -10.15
C HIS A 421 -13.98 32.27 -9.21
N LYS A 422 -13.51 33.48 -9.53
CA LYS A 422 -13.76 34.71 -8.75
C LYS A 422 -13.35 34.64 -7.26
N VAL A 423 -12.17 34.04 -6.98
CA VAL A 423 -11.58 33.92 -5.64
C VAL A 423 -11.05 35.28 -5.18
N CYS A 424 -10.42 36.04 -6.10
CA CYS A 424 -9.89 37.39 -5.85
C CYS A 424 -11.07 38.35 -5.54
N GLU A 425 -12.12 38.36 -6.41
CA GLU A 425 -13.34 39.17 -6.31
C GLU A 425 -14.03 38.95 -4.96
N ALA A 426 -14.20 37.66 -4.61
CA ALA A 426 -14.82 37.23 -3.35
C ALA A 426 -13.94 37.56 -2.13
N GLY A 427 -12.63 37.69 -2.36
CA GLY A 427 -11.66 38.01 -1.32
C GLY A 427 -11.29 36.83 -0.43
N GLY A 428 -11.09 35.66 -1.04
CA GLY A 428 -10.69 34.46 -0.33
C GLY A 428 -11.30 33.18 -0.86
N LEU A 429 -10.68 32.05 -0.48
CA LEU A 429 -11.14 30.71 -0.84
C LEU A 429 -12.37 30.28 -0.07
N PHE A 430 -12.44 30.64 1.23
CA PHE A 430 -13.49 30.19 2.15
C PHE A 430 -14.61 31.18 2.49
N VAL A 431 -14.69 32.31 1.76
CA VAL A 431 -15.70 33.36 2.00
C VAL A 431 -17.17 32.88 1.92
N ASN A 432 -17.47 31.86 1.07
CA ASN A 432 -18.82 31.29 0.89
C ASN A 432 -18.87 29.86 1.44
N SER A 433 -17.88 29.52 2.28
CA SER A 433 -17.75 28.20 2.90
C SER A 433 -18.17 28.24 4.39
N PRO A 434 -18.81 27.16 4.92
CA PRO A 434 -19.20 27.19 6.34
C PRO A 434 -18.03 27.21 7.31
N GLU A 435 -18.29 27.70 8.55
CA GLU A 435 -17.30 27.78 9.63
C GLU A 435 -16.89 26.39 10.07
N GLU A 436 -17.88 25.49 10.15
CA GLU A 436 -17.68 24.11 10.55
C GLU A 436 -18.12 23.21 9.39
N PRO A 437 -17.23 22.97 8.40
CA PRO A 437 -17.60 22.10 7.27
C PRO A 437 -17.87 20.67 7.74
N SER A 438 -18.75 19.98 7.01
CA SER A 438 -19.05 18.58 7.28
C SER A 438 -17.82 17.75 6.89
N LEU A 439 -17.69 16.54 7.41
CA LEU A 439 -16.57 15.68 7.09
C LEU A 439 -16.87 14.97 5.76
N SER A 440 -15.98 15.09 4.76
CA SER A 440 -16.13 14.43 3.46
C SER A 440 -16.07 12.88 3.60
N ARG A 441 -16.71 12.14 2.67
CA ARG A 441 -16.70 10.66 2.70
C ARG A 441 -15.29 10.06 2.51
N MET A 442 -14.41 10.81 1.84
CA MET A 442 -13.04 10.44 1.52
C MET A 442 -12.13 10.37 2.73
N VAL A 443 -12.40 11.20 3.77
CA VAL A 443 -11.56 11.33 4.97
C VAL A 443 -12.25 11.07 6.31
N THR A 444 -11.47 10.58 7.30
CA THR A 444 -11.95 10.41 8.68
C THR A 444 -11.53 11.67 9.43
N GLU A 445 -12.03 11.84 10.66
CA GLU A 445 -11.67 12.98 11.51
C GLU A 445 -10.18 12.92 11.86
N GLU A 446 -9.66 11.73 12.13
CA GLU A 446 -8.28 11.43 12.50
C GLU A 446 -7.31 11.82 11.36
N GLU A 447 -7.66 11.47 10.10
CA GLU A 447 -6.87 11.82 8.91
C GLU A 447 -6.78 13.33 8.71
N ILE A 448 -7.89 14.08 9.00
CA ILE A 448 -7.90 15.56 8.94
C ILE A 448 -6.91 16.07 9.99
N GLN A 449 -6.99 15.55 11.24
CA GLN A 449 -6.10 15.94 12.35
C GLN A 449 -4.63 15.69 12.10
N PHE A 450 -4.28 14.67 11.29
CA PHE A 450 -2.88 14.44 10.92
C PHE A 450 -2.39 15.63 10.07
N TYR A 451 -3.19 16.08 9.06
CA TYR A 451 -2.85 17.25 8.24
C TYR A 451 -2.76 18.52 9.09
N VAL A 452 -3.72 18.69 10.06
CA VAL A 452 -3.74 19.82 10.99
C VAL A 452 -2.39 19.86 11.74
N GLN A 453 -2.00 18.73 12.38
CA GLN A 453 -0.75 18.64 13.14
C GLN A 453 0.48 18.91 12.27
N GLN A 454 0.50 18.41 11.03
CA GLN A 454 1.59 18.61 10.08
C GLN A 454 1.80 20.09 9.73
N PHE A 455 0.70 20.79 9.43
CA PHE A 455 0.72 22.19 9.06
C PHE A 455 0.93 23.18 10.21
N LYS A 456 0.89 22.67 11.46
CA LYS A 456 1.16 23.47 12.66
C LYS A 456 2.63 23.88 12.72
N LYS A 457 3.53 23.08 12.11
CA LYS A 457 4.97 23.41 12.12
C LYS A 457 5.34 24.62 11.26
N SER A 458 5.06 24.58 9.94
CA SER A 458 5.48 25.64 9.05
C SER A 458 4.38 26.46 8.40
N GLY A 459 3.14 25.97 8.49
CA GLY A 459 2.02 26.63 7.87
C GLY A 459 2.06 26.61 6.36
N PHE A 460 1.57 27.70 5.75
CA PHE A 460 1.35 27.84 4.33
C PHE A 460 2.29 28.70 3.52
N ARG A 461 3.28 29.38 4.16
CA ARG A 461 4.25 30.21 3.44
C ARG A 461 5.06 29.43 2.36
N GLY A 462 5.80 28.39 2.78
CA GLY A 462 6.57 27.50 1.90
C GLY A 462 5.69 26.87 0.84
N PRO A 463 4.58 26.21 1.22
CA PRO A 463 3.62 25.67 0.23
C PRO A 463 3.12 26.68 -0.82
N LEU A 464 2.72 27.90 -0.39
CA LEU A 464 2.23 28.96 -1.29
C LEU A 464 3.32 29.51 -2.19
N ASN A 465 4.57 29.49 -1.72
CA ASN A 465 5.72 29.94 -2.52
C ASN A 465 5.93 29.12 -3.80
N TRP A 466 5.36 27.89 -3.89
CA TRP A 466 5.43 27.05 -5.09
C TRP A 466 4.68 27.75 -6.26
N TYR A 467 3.68 28.58 -5.92
CA TYR A 467 2.85 29.38 -6.86
C TYR A 467 3.41 30.78 -7.15
N ARG A 468 4.49 31.18 -6.45
CA ARG A 468 5.08 32.52 -6.49
C ARG A 468 6.38 32.64 -7.30
N ASN A 469 6.61 31.69 -8.22
CA ASN A 469 7.78 31.66 -9.08
C ASN A 469 7.44 31.56 -10.58
N MET A 470 6.24 32.04 -10.98
N MET A 470 6.25 32.05 -10.99
CA MET A 470 5.74 31.97 -12.37
CA MET A 470 5.76 32.03 -12.36
C MET A 470 6.72 32.48 -13.44
C MET A 470 6.77 32.46 -13.41
N GLU A 471 7.35 33.66 -13.23
CA GLU A 471 8.32 34.27 -14.15
C GLU A 471 9.65 33.50 -14.16
N ARG A 472 10.10 33.04 -12.98
CA ARG A 472 11.33 32.28 -12.83
C ARG A 472 11.16 30.91 -13.52
N ASN A 473 10.03 30.22 -13.29
CA ASN A 473 9.73 28.93 -13.89
C ASN A 473 9.56 29.04 -15.39
N TRP A 474 8.91 30.11 -15.88
CA TRP A 474 8.70 30.36 -17.30
C TRP A 474 10.04 30.50 -18.03
N LYS A 475 10.97 31.35 -17.52
CA LYS A 475 12.28 31.52 -18.12
C LYS A 475 13.11 30.22 -18.17
N TRP A 476 13.07 29.42 -17.09
CA TRP A 476 13.76 28.12 -17.01
C TRP A 476 13.14 27.13 -18.00
N ALA A 477 11.80 27.02 -18.02
CA ALA A 477 11.07 26.12 -18.92
C ALA A 477 11.33 26.40 -20.41
N CYS A 478 11.50 27.68 -20.79
CA CYS A 478 11.78 28.10 -22.17
C CYS A 478 13.07 27.49 -22.73
N LYS A 479 14.03 27.09 -21.85
CA LYS A 479 15.30 26.44 -22.21
C LYS A 479 15.03 25.04 -22.77
N SER A 480 13.93 24.42 -22.33
CA SER A 480 13.53 23.06 -22.71
C SER A 480 12.57 22.99 -23.91
N LEU A 481 12.32 24.12 -24.59
CA LEU A 481 11.37 24.18 -25.70
C LEU A 481 11.70 23.39 -26.97
N GLY A 482 12.96 23.01 -27.16
CA GLY A 482 13.33 22.20 -28.31
C GLY A 482 13.33 20.72 -27.99
N ARG A 483 13.11 20.38 -26.69
CA ARG A 483 13.16 19.00 -26.23
C ARG A 483 11.87 18.24 -26.35
N LYS A 484 11.96 16.93 -26.18
CA LYS A 484 10.80 16.05 -26.14
C LYS A 484 10.99 15.12 -24.97
N ILE A 485 9.90 14.62 -24.38
CA ILE A 485 9.99 13.63 -23.30
C ILE A 485 9.89 12.29 -24.00
N LEU A 486 11.01 11.57 -24.04
CA LEU A 486 11.14 10.30 -24.75
C LEU A 486 11.39 9.10 -23.83
N ILE A 487 11.33 9.31 -22.51
CA ILE A 487 11.44 8.25 -21.52
C ILE A 487 10.00 7.70 -21.26
N PRO A 488 9.78 6.51 -20.64
CA PRO A 488 8.40 6.05 -20.38
C PRO A 488 7.61 7.07 -19.56
N ALA A 489 6.37 7.37 -20.00
CA ALA A 489 5.53 8.40 -19.40
C ALA A 489 4.07 8.03 -19.33
N LEU A 490 3.42 8.39 -18.20
CA LEU A 490 2.02 8.11 -17.96
C LEU A 490 1.27 9.37 -17.55
N MET A 491 0.11 9.63 -18.20
CA MET A 491 -0.75 10.74 -17.88
C MET A 491 -2.07 10.20 -17.41
N VAL A 492 -2.41 10.47 -16.15
CA VAL A 492 -3.68 10.00 -15.59
C VAL A 492 -4.62 11.20 -15.42
N THR A 493 -5.75 11.18 -16.14
CA THR A 493 -6.73 12.26 -16.05
C THR A 493 -7.87 11.86 -15.11
N ALA A 494 -8.50 12.86 -14.48
CA ALA A 494 -9.62 12.72 -13.55
C ALA A 494 -10.81 13.49 -14.15
N GLU A 495 -11.90 12.76 -14.45
CA GLU A 495 -13.11 13.29 -15.09
C GLU A 495 -13.65 14.58 -14.47
N LYS A 496 -13.76 14.61 -13.15
CA LYS A 496 -14.35 15.72 -12.43
C LYS A 496 -13.40 16.67 -11.70
N ASP A 497 -12.12 16.77 -12.14
CA ASP A 497 -11.22 17.78 -11.59
C ASP A 497 -11.57 18.99 -12.46
N PHE A 498 -12.24 20.00 -11.88
CA PHE A 498 -12.70 21.17 -12.62
C PHE A 498 -11.70 22.28 -12.80
N VAL A 499 -10.45 22.05 -12.38
CA VAL A 499 -9.35 23.00 -12.61
C VAL A 499 -8.37 22.32 -13.57
N LEU A 500 -7.87 21.13 -13.18
CA LEU A 500 -6.96 20.33 -14.00
C LEU A 500 -7.84 19.37 -14.80
N VAL A 501 -8.60 19.95 -15.75
CA VAL A 501 -9.57 19.24 -16.59
C VAL A 501 -8.89 18.27 -17.57
N PRO A 502 -9.50 17.10 -17.85
CA PRO A 502 -8.88 16.16 -18.80
C PRO A 502 -8.48 16.75 -20.16
N GLN A 503 -9.30 17.68 -20.71
CA GLN A 503 -9.04 18.32 -22.01
C GLN A 503 -7.76 19.14 -22.07
N MET A 504 -7.25 19.60 -20.92
CA MET A 504 -6.00 20.37 -20.81
C MET A 504 -4.80 19.53 -21.24
N SER A 505 -4.92 18.18 -21.16
CA SER A 505 -3.88 17.21 -21.52
C SER A 505 -3.91 16.76 -23.00
N GLN A 506 -4.88 17.26 -23.80
CA GLN A 506 -5.10 16.88 -25.20
C GLN A 506 -3.91 16.97 -26.18
N HIS A 507 -3.02 17.96 -26.02
CA HIS A 507 -1.88 18.14 -26.93
C HIS A 507 -0.54 17.52 -26.49
N MET A 508 -0.54 16.79 -25.36
CA MET A 508 0.66 16.19 -24.77
C MET A 508 1.45 15.27 -25.70
N GLU A 509 0.76 14.48 -26.56
CA GLU A 509 1.40 13.57 -27.52
C GLU A 509 2.37 14.25 -28.47
N ASP A 510 2.25 15.57 -28.67
CA ASP A 510 3.15 16.35 -29.53
C ASP A 510 4.54 16.48 -28.88
N TRP A 511 4.58 16.46 -27.54
N TRP A 511 4.58 16.49 -27.53
CA TRP A 511 5.82 16.60 -26.79
CA TRP A 511 5.78 16.62 -26.71
C TRP A 511 6.29 15.31 -26.14
C TRP A 511 6.28 15.30 -26.17
N ILE A 512 5.36 14.35 -25.96
CA ILE A 512 5.66 13.02 -25.39
C ILE A 512 5.02 12.02 -26.35
N PRO A 513 5.64 11.71 -27.51
CA PRO A 513 4.98 10.83 -28.50
C PRO A 513 4.56 9.44 -28.07
N HIS A 514 5.36 8.81 -27.16
CA HIS A 514 5.13 7.46 -26.67
C HIS A 514 4.28 7.39 -25.40
N LEU A 515 3.68 8.53 -25.00
CA LEU A 515 2.85 8.67 -23.80
C LEU A 515 1.76 7.62 -23.69
N LYS A 516 1.63 7.08 -22.46
CA LYS A 516 0.57 6.16 -22.08
C LYS A 516 -0.44 6.94 -21.25
N ARG A 517 -1.69 6.48 -21.25
CA ARG A 517 -2.76 7.18 -20.55
C ARG A 517 -3.58 6.30 -19.64
N GLY A 518 -4.16 6.95 -18.65
CA GLY A 518 -5.11 6.42 -17.68
C GLY A 518 -6.20 7.45 -17.52
N HIS A 519 -7.41 7.00 -17.19
CA HIS A 519 -8.51 7.93 -17.01
C HIS A 519 -9.42 7.42 -15.91
N ILE A 520 -9.75 8.30 -14.96
CA ILE A 520 -10.61 7.96 -13.84
C ILE A 520 -11.93 8.72 -13.89
N GLU A 521 -13.02 7.96 -14.08
CA GLU A 521 -14.36 8.52 -14.13
C GLU A 521 -14.81 8.83 -12.71
N ASP A 522 -15.64 9.88 -12.56
CA ASP A 522 -16.25 10.34 -11.30
C ASP A 522 -15.18 10.61 -10.21
N CYS A 523 -14.05 11.21 -10.64
CA CYS A 523 -12.90 11.51 -9.79
C CYS A 523 -12.59 12.99 -9.79
N GLY A 524 -12.51 13.57 -8.61
CA GLY A 524 -12.20 14.99 -8.42
C GLY A 524 -10.71 15.24 -8.38
N HIS A 525 -10.31 16.37 -7.79
CA HIS A 525 -8.92 16.79 -7.67
C HIS A 525 -8.06 15.90 -6.76
N TRP A 526 -8.65 15.35 -5.68
CA TRP A 526 -7.92 14.55 -4.68
C TRP A 526 -7.89 13.09 -5.07
N THR A 527 -7.37 12.83 -6.29
CA THR A 527 -7.28 11.55 -6.98
C THR A 527 -6.96 10.34 -6.13
N GLN A 528 -5.84 10.40 -5.36
CA GLN A 528 -5.35 9.30 -4.51
C GLN A 528 -6.34 8.82 -3.44
N MET A 529 -7.11 9.73 -2.81
CA MET A 529 -8.07 9.38 -1.77
C MET A 529 -9.51 9.24 -2.27
N ASP A 530 -9.79 9.85 -3.43
CA ASP A 530 -11.08 9.83 -4.11
C ASP A 530 -11.28 8.45 -4.71
N LYS A 531 -10.31 7.99 -5.53
CA LYS A 531 -10.39 6.69 -6.18
C LYS A 531 -9.12 5.84 -5.95
N PRO A 532 -8.80 5.47 -4.68
CA PRO A 532 -7.54 4.74 -4.41
C PRO A 532 -7.34 3.43 -5.12
N THR A 533 -8.38 2.59 -5.23
CA THR A 533 -8.37 1.28 -5.89
C THR A 533 -7.99 1.40 -7.37
N GLU A 534 -8.55 2.40 -8.06
CA GLU A 534 -8.29 2.58 -9.49
C GLU A 534 -6.94 3.22 -9.78
N VAL A 535 -6.49 4.16 -8.94
CA VAL A 535 -5.15 4.77 -9.00
C VAL A 535 -4.13 3.62 -8.88
N ASN A 536 -4.30 2.76 -7.86
CA ASN A 536 -3.38 1.64 -7.64
C ASN A 536 -3.29 0.73 -8.84
N GLN A 537 -4.45 0.35 -9.39
CA GLN A 537 -4.56 -0.50 -10.57
C GLN A 537 -3.85 0.14 -11.80
N ILE A 538 -4.10 1.44 -12.08
CA ILE A 538 -3.44 2.15 -13.19
C ILE A 538 -1.92 2.21 -12.98
N LEU A 539 -1.47 2.62 -11.78
CA LEU A 539 -0.05 2.74 -11.49
C LEU A 539 0.68 1.40 -11.49
N ILE A 540 0.14 0.36 -10.82
CA ILE A 540 0.79 -0.96 -10.81
C ILE A 540 0.96 -1.53 -12.23
N LYS A 541 -0.11 -1.51 -13.03
CA LYS A 541 -0.12 -1.99 -14.41
C LYS A 541 0.97 -1.29 -15.25
N TRP A 542 1.04 0.04 -15.18
CA TRP A 542 2.03 0.85 -15.88
C TRP A 542 3.45 0.63 -15.35
N LEU A 543 3.61 0.49 -14.02
CA LEU A 543 4.93 0.20 -13.43
C LEU A 543 5.46 -1.15 -13.91
N ASP A 544 4.64 -2.20 -13.86
CA ASP A 544 5.01 -3.56 -14.29
C ASP A 544 5.29 -3.67 -15.79
N SER A 545 4.63 -2.83 -16.62
CA SER A 545 4.85 -2.87 -18.07
C SER A 545 5.98 -1.99 -18.58
N ASP A 546 6.15 -0.77 -18.01
CA ASP A 546 7.12 0.26 -18.46
C ASP A 546 8.26 0.70 -17.51
N ALA A 547 8.12 0.49 -16.19
CA ALA A 547 9.15 0.90 -15.22
C ALA A 547 9.94 -0.29 -14.69
N ARG A 548 9.42 -1.52 -14.94
CA ARG A 548 9.96 -2.85 -14.61
C ARG A 548 9.66 -3.28 -13.17
S SO4 B . -12.57 6.95 5.04
O1 SO4 B . -12.80 6.50 3.67
O2 SO4 B . -13.86 7.43 5.62
O3 SO4 B . -12.02 5.83 5.86
O4 SO4 B . -11.63 8.03 5.04
S DMS C . 2.40 -8.85 13.21
O DMS C . 1.39 -9.79 13.69
C1 DMS C . 3.84 -9.05 14.26
C2 DMS C . 1.80 -7.16 13.60
S DMS D . -15.66 -5.90 20.00
O DMS D . -15.93 -5.26 18.76
C1 DMS D . -17.07 -6.95 20.45
C2 DMS D . -15.71 -4.69 21.36
S DMS E . 5.62 27.23 -17.79
O DMS E . 5.76 28.68 -17.60
C1 DMS E . 3.98 26.63 -17.47
C2 DMS E . 6.55 26.21 -16.63
C1 6NJ F . -6.15 24.81 -3.27
C2 6NJ F . -5.87 23.43 -3.55
C3 6NJ F . -6.98 22.55 -3.92
C4 6NJ F . -8.40 23.01 -3.99
C5 6NJ F . -8.57 24.41 -3.71
C6 6NJ F . -7.49 25.31 -3.36
C7 6NJ F . -9.70 22.21 -4.39
C8 6NJ F . -10.19 22.72 -5.71
C9 6NJ F . -9.36 22.27 -6.91
C10 6NJ F . -7.99 22.76 -7.25
C11 6NJ F . -6.99 23.74 -6.69
C12 6NJ F . -5.71 23.87 -7.36
C13 6NJ F . -5.37 23.11 -8.56
C14 6NJ F . -6.33 22.17 -9.13
C15 6NJ F . -7.64 22.03 -8.44
N16 6NJ F . -8.80 21.21 -8.72
N17 6NJ F . -9.82 21.34 -7.82
C1 6NJ G . -1.19 22.75 -9.97
C1 6NJ G . -1.37 22.56 -9.86
C2 6NJ G . -1.92 23.82 -10.55
C2 6NJ G . -2.08 23.69 -10.35
C3 6NJ G . -1.24 24.73 -11.46
C3 6NJ G . -1.40 24.62 -11.19
C4 6NJ G . 0.18 24.59 -11.83
C4 6NJ G . 0.00 24.43 -11.53
C5 6NJ G . 0.83 23.51 -11.20
C5 6NJ G . 0.64 23.31 -10.99
C6 6NJ G . 0.19 22.61 -10.31
C6 6NJ G . -0.01 22.38 -10.19
C7 6NJ G . 1.02 25.48 -12.79
C7 6NJ G . 0.86 25.33 -12.39
C8 6NJ G . 0.41 26.83 -12.93
C8 6NJ G . 0.07 26.39 -13.04
C9 6NJ G . -0.02 27.21 -14.32
C9 6NJ G . 0.97 27.28 -13.79
C10 6NJ G . 0.86 28.05 -15.13
C10 6NJ G . 0.62 27.79 -15.10
C11 6NJ G . 2.22 28.71 -14.93
C11 6NJ G . -0.54 27.68 -16.03
C12 6NJ G . 2.69 29.51 -16.06
C12 6NJ G . -0.44 28.41 -17.28
C13 6NJ G . 1.95 29.66 -17.28
C13 6NJ G . 0.73 29.18 -17.63
C14 6NJ G . 0.65 29.02 -17.49
C14 6NJ G . 1.85 29.30 -16.72
C15 6NJ G . 0.12 28.21 -16.38
C15 6NJ G . 1.78 28.57 -15.45
N16 6NJ G . -1.11 27.44 -16.18
N16 6NJ G . 2.68 28.45 -14.33
N17 6NJ G . -1.21 26.84 -14.95
N17 6NJ G . 2.20 27.68 -13.33
#